data_4HOJ
#
_entry.id   4HOJ
#
_cell.length_a   49.876
_cell.length_b   49.876
_cell.length_c   160.236
_cell.angle_alpha   90.000
_cell.angle_beta   90.000
_cell.angle_gamma   120.000
#
_symmetry.space_group_name_H-M   'P 31 2 1'
#
loop_
_entity.id
_entity.type
_entity.pdbx_description
1 polymer 'RegF protein'
2 non-polymer 'CALCIUM ION'
3 non-polymer GLUTATHIONE
4 non-polymer 'ACETATE ION'
5 water water
#
_entity_poly.entity_id   1
_entity_poly.type   'polypeptide(L)'
_entity_poly.pdbx_seq_one_letter_code
;MVMMTLYSGITCPFSHRCRFVLYEKGMDFEIKDIDIYNKPEDLAVMNPYNQVPVLVERDLVLHESNIINEYIDERFPHPQ
LMPGDPVMRGRGRLVLYRMEKELFNHVQVLENPAAANKEQAKAREAIGNGLTMLSPSFSKSKYILGEDFSMIDVALAPLL
WRLDHYDVKLGKSAAPLLKYAERIFQREAFIEALTPAEKAMRKAENLYFQ
;
_entity_poly.pdbx_strand_id   A
#
# COMPACT_ATOMS: atom_id res chain seq x y z
N MET A 4 0.42 13.01 -15.49
CA MET A 4 0.85 12.34 -14.25
C MET A 4 1.26 10.90 -14.53
N THR A 5 2.48 10.55 -14.15
CA THR A 5 3.06 9.26 -14.50
C THR A 5 3.50 8.59 -13.21
N LEU A 6 3.10 7.34 -12.98
CA LEU A 6 3.55 6.53 -11.89
C LEU A 6 4.51 5.49 -12.39
N TYR A 7 5.71 5.48 -11.82
CA TYR A 7 6.65 4.39 -12.03
C TYR A 7 6.39 3.35 -10.99
N SER A 8 6.09 2.13 -11.45
CA SER A 8 5.49 1.12 -10.57
C SER A 8 6.12 -0.24 -10.81
N GLY A 9 6.32 -1.00 -9.75
CA GLY A 9 6.71 -2.40 -9.89
C GLY A 9 5.48 -3.30 -9.89
N ILE A 10 5.43 -4.28 -10.76
N ILE A 10 5.49 -4.28 -10.79
CA ILE A 10 4.19 -5.04 -10.92
CA ILE A 10 4.38 -5.22 -11.09
C ILE A 10 3.84 -5.91 -9.73
C ILE A 10 3.97 -6.11 -9.91
N THR A 11 4.82 -6.20 -8.89
CA THR A 11 4.51 -6.95 -7.65
C THR A 11 4.79 -6.13 -6.41
N CYS A 12 5.00 -4.83 -6.56
CA CYS A 12 5.45 -4.02 -5.43
C CYS A 12 4.25 -3.55 -4.60
N PRO A 13 4.21 -3.89 -3.30
CA PRO A 13 3.05 -3.45 -2.51
C PRO A 13 2.97 -1.94 -2.36
N PHE A 14 4.11 -1.26 -2.40
CA PHE A 14 4.13 0.20 -2.21
C PHE A 14 3.63 0.87 -3.44
N SER A 15 3.96 0.34 -4.62
CA SER A 15 3.37 0.81 -5.88
C SER A 15 1.86 0.51 -5.96
N HIS A 16 1.49 -0.63 -5.41
CA HIS A 16 0.10 -1.05 -5.37
C HIS A 16 -0.74 0.01 -4.63
N ARG A 17 -0.19 0.59 -3.54
CA ARG A 17 -0.94 1.61 -2.80
C ARG A 17 -1.26 2.77 -3.73
N CYS A 18 -0.27 3.20 -4.51
CA CYS A 18 -0.45 4.38 -5.37
C CYS A 18 -1.40 4.06 -6.53
N ARG A 19 -1.32 2.87 -7.12
CA ARG A 19 -2.27 2.44 -8.14
C ARG A 19 -3.68 2.46 -7.59
N PHE A 20 -3.84 1.98 -6.36
CA PHE A 20 -5.17 1.96 -5.74
C PHE A 20 -5.73 3.40 -5.63
N VAL A 21 -4.92 4.34 -5.12
CA VAL A 21 -5.38 5.72 -5.04
C VAL A 21 -5.73 6.26 -6.40
N LEU A 22 -4.88 6.03 -7.40
CA LEU A 22 -5.13 6.61 -8.72
C LEU A 22 -6.43 6.14 -9.30
N TYR A 23 -6.74 4.85 -9.16
CA TYR A 23 -8.02 4.36 -9.64
C TYR A 23 -9.21 4.80 -8.80
N GLU A 24 -9.00 5.06 -7.50
CA GLU A 24 -10.10 5.61 -6.72
C GLU A 24 -10.44 7.02 -7.18
N LYS A 25 -9.44 7.83 -7.56
CA LYS A 25 -9.69 9.20 -8.03
C LYS A 25 -10.21 9.24 -9.44
N GLY A 26 -9.87 8.25 -10.25
CA GLY A 26 -10.47 8.17 -11.57
C GLY A 26 -9.98 9.16 -12.63
N MET A 27 -8.87 9.85 -12.39
CA MET A 27 -8.38 10.85 -13.35
C MET A 27 -7.41 10.24 -14.35
N ASP A 28 -6.89 11.05 -15.27
CA ASP A 28 -5.97 10.50 -16.26
C ASP A 28 -4.58 10.38 -15.70
N PHE A 29 -3.99 9.21 -15.91
CA PHE A 29 -2.63 8.97 -15.48
C PHE A 29 -2.07 7.87 -16.36
N GLU A 30 -0.75 7.75 -16.29
CA GLU A 30 -0.04 6.72 -17.02
C GLU A 30 0.72 5.92 -15.99
N ILE A 31 0.80 4.60 -16.18
CA ILE A 31 1.67 3.74 -15.39
C ILE A 31 2.84 3.27 -16.24
N LYS A 32 4.05 3.42 -15.73
CA LYS A 32 5.24 2.86 -16.36
C LYS A 32 5.76 1.76 -15.48
N ASP A 33 5.85 0.56 -16.03
CA ASP A 33 6.30 -0.58 -15.24
C ASP A 33 7.82 -0.60 -15.21
N ILE A 34 8.33 -0.78 -14.01
CA ILE A 34 9.77 -0.86 -13.76
C ILE A 34 10.03 -2.26 -13.24
N ASP A 35 10.97 -2.97 -13.87
CA ASP A 35 11.41 -4.26 -13.36
C ASP A 35 12.44 -3.93 -12.28
N ILE A 36 12.18 -4.30 -11.05
CA ILE A 36 13.11 -3.96 -9.99
C ILE A 36 14.42 -4.72 -10.14
N TYR A 37 14.47 -5.76 -10.97
CA TYR A 37 15.69 -6.53 -11.18
C TYR A 37 16.51 -5.94 -12.32
N ASN A 38 15.96 -4.96 -13.01
CA ASN A 38 16.60 -4.30 -14.14
C ASN A 38 16.14 -2.87 -14.21
N LYS A 39 16.57 -2.11 -13.23
CA LYS A 39 16.10 -0.74 -13.11
C LYS A 39 16.74 0.19 -14.14
N PRO A 40 15.98 1.12 -14.70
CA PRO A 40 16.66 2.10 -15.55
C PRO A 40 17.48 3.09 -14.72
N GLU A 41 18.56 3.62 -15.31
CA GLU A 41 19.38 4.57 -14.58
C GLU A 41 18.61 5.82 -14.14
N ASP A 42 17.55 6.17 -14.87
CA ASP A 42 16.86 7.38 -14.48
C ASP A 42 16.06 7.21 -13.21
N LEU A 43 15.75 5.98 -12.78
CA LEU A 43 15.13 5.75 -11.48
C LEU A 43 15.95 6.37 -10.34
N ALA A 44 17.26 6.20 -10.35
CA ALA A 44 18.07 6.79 -9.28
C ALA A 44 18.19 8.31 -9.39
N VAL A 45 17.98 8.89 -10.56
CA VAL A 45 17.99 10.34 -10.69
C VAL A 45 16.71 10.90 -10.06
N MET A 46 15.59 10.21 -10.27
CA MET A 46 14.30 10.64 -9.71
C MET A 46 14.21 10.37 -8.22
N ASN A 47 14.83 9.31 -7.76
CA ASN A 47 14.66 8.85 -6.39
C ASN A 47 16.04 8.43 -5.90
N PRO A 48 16.64 9.15 -4.94
CA PRO A 48 17.98 8.73 -4.52
C PRO A 48 18.03 7.37 -3.85
N TYR A 49 16.87 6.86 -3.43
CA TYR A 49 16.83 5.50 -2.91
C TYR A 49 16.67 4.42 -3.97
N ASN A 50 16.50 4.86 -5.23
CA ASN A 50 16.47 3.91 -6.36
C ASN A 50 15.40 2.83 -6.24
N GLN A 51 14.20 3.24 -5.86
CA GLN A 51 13.05 2.39 -5.64
C GLN A 51 11.83 2.94 -6.38
N VAL A 52 10.88 2.01 -6.59
CA VAL A 52 9.52 2.38 -6.95
C VAL A 52 8.64 2.33 -5.70
N PRO A 53 7.56 3.09 -5.66
CA PRO A 53 7.05 3.94 -6.73
C PRO A 53 7.67 5.32 -6.76
N VAL A 54 7.58 5.97 -7.93
CA VAL A 54 7.89 7.39 -8.13
C VAL A 54 6.71 7.99 -8.89
N LEU A 55 6.28 9.20 -8.54
CA LEU A 55 5.29 9.90 -9.33
C LEU A 55 5.94 11.12 -9.94
N VAL A 56 5.68 11.33 -11.23
CA VAL A 56 6.11 12.53 -11.92
C VAL A 56 4.92 13.26 -12.46
N GLU A 57 4.81 14.55 -12.18
CA GLU A 57 3.80 15.36 -12.87
C GLU A 57 4.46 16.68 -13.20
N ARG A 58 4.66 16.92 -14.50
CA ARG A 58 5.43 18.07 -14.96
C ARG A 58 6.78 18.10 -14.24
N ASP A 59 7.07 19.21 -13.55
CA ASP A 59 8.36 19.38 -12.89
C ASP A 59 8.38 18.80 -11.46
N LEU A 60 7.24 18.27 -11.01
CA LEU A 60 7.22 17.65 -9.69
C LEU A 60 7.62 16.19 -9.75
N VAL A 61 8.58 15.80 -8.91
CA VAL A 61 8.98 14.40 -8.78
C VAL A 61 8.84 13.99 -7.31
N LEU A 62 8.04 12.98 -7.00
CA LEU A 62 7.89 12.48 -5.64
C LEU A 62 8.23 11.01 -5.56
N HIS A 63 8.84 10.58 -4.46
CA HIS A 63 8.88 9.16 -4.10
C HIS A 63 8.29 9.07 -2.69
N GLU A 64 8.29 7.85 -2.18
CA GLU A 64 7.68 7.43 -0.92
C GLU A 64 6.17 7.36 -1.08
N SER A 65 5.68 6.12 -1.17
CA SER A 65 4.27 5.85 -1.49
C SER A 65 3.27 6.66 -0.69
N ASN A 66 3.46 6.79 0.62
CA ASN A 66 2.41 7.51 1.36
C ASN A 66 2.44 9.01 1.07
N ILE A 67 3.61 9.54 0.70
CA ILE A 67 3.76 10.98 0.37
C ILE A 67 3.15 11.21 -1.03
N ILE A 68 3.40 10.32 -1.99
CA ILE A 68 2.77 10.39 -3.29
C ILE A 68 1.26 10.40 -3.10
N ASN A 69 0.78 9.54 -2.20
CA ASN A 69 -0.68 9.41 -2.05
C ASN A 69 -1.30 10.63 -1.40
N GLU A 70 -0.60 11.26 -0.43
N GLU A 70 -0.62 11.24 -0.42
CA GLU A 70 -1.04 12.56 0.09
CA GLU A 70 -1.12 12.50 0.13
C GLU A 70 -1.17 13.58 -0.98
C GLU A 70 -1.15 13.62 -0.95
N TYR A 71 -0.16 13.65 -1.83
CA TYR A 71 -0.19 14.58 -2.95
C TYR A 71 -1.40 14.31 -3.82
N ILE A 72 -1.60 13.06 -4.22
CA ILE A 72 -2.71 12.77 -5.11
C ILE A 72 -4.04 13.19 -4.47
N ASP A 73 -4.17 12.93 -3.16
CA ASP A 73 -5.42 13.26 -2.48
C ASP A 73 -5.67 14.76 -2.49
N GLU A 74 -4.60 15.56 -2.38
CA GLU A 74 -4.75 17.00 -2.36
C GLU A 74 -4.91 17.54 -3.79
N ARG A 75 -4.28 16.90 -4.76
CA ARG A 75 -4.23 17.37 -6.13
C ARG A 75 -5.57 17.14 -6.87
N PHE A 76 -6.23 16.03 -6.54
CA PHE A 76 -7.53 15.67 -7.09
C PHE A 76 -8.47 15.52 -5.90
N PRO A 77 -9.06 16.64 -5.45
CA PRO A 77 -9.70 16.67 -4.14
C PRO A 77 -10.80 15.64 -4.00
N HIS A 78 -11.57 15.46 -5.05
CA HIS A 78 -12.79 14.67 -4.95
C HIS A 78 -12.65 13.40 -5.74
N PRO A 79 -13.01 12.25 -5.14
CA PRO A 79 -13.53 12.09 -3.77
C PRO A 79 -12.41 12.19 -2.72
N GLN A 80 -12.68 12.82 -1.58
CA GLN A 80 -11.69 12.92 -0.50
C GLN A 80 -11.34 11.57 0.14
N LEU A 81 -10.05 11.28 0.24
CA LEU A 81 -9.64 10.04 0.86
C LEU A 81 -9.22 10.25 2.30
N MET A 82 -9.39 11.45 2.83
CA MET A 82 -9.17 11.68 4.25
C MET A 82 -10.38 12.37 4.87
N PRO A 83 -10.60 12.19 6.19
CA PRO A 83 -11.62 12.99 6.91
C PRO A 83 -11.27 14.47 6.86
N GLY A 84 -12.24 15.35 7.05
CA GLY A 84 -11.95 16.77 7.16
C GLY A 84 -11.48 17.21 8.52
N ASP A 85 -11.80 16.42 9.53
CA ASP A 85 -11.62 16.88 10.91
C ASP A 85 -10.13 16.79 11.27
N PRO A 86 -9.50 17.90 11.68
CA PRO A 86 -8.07 17.79 12.02
C PRO A 86 -7.77 16.71 13.04
N VAL A 87 -8.71 16.40 13.92
CA VAL A 87 -8.48 15.35 14.92
C VAL A 87 -8.38 13.97 14.27
N MET A 88 -9.35 13.63 13.43
CA MET A 88 -9.30 12.36 12.75
C MET A 88 -8.13 12.28 11.78
N ARG A 89 -7.74 13.41 11.18
CA ARG A 89 -6.61 13.39 10.27
C ARG A 89 -5.36 13.14 11.04
N GLY A 90 -5.21 13.73 12.22
CA GLY A 90 -4.01 13.48 13.02
C GLY A 90 -3.95 12.07 13.50
N ARG A 91 -5.07 11.54 13.99
CA ARG A 91 -5.10 10.16 14.41
C ARG A 91 -4.71 9.26 13.22
N GLY A 92 -5.25 9.53 12.02
CA GLY A 92 -4.95 8.71 10.87
C GLY A 92 -3.51 8.80 10.44
N ARG A 93 -2.94 10.01 10.47
CA ARG A 93 -1.52 10.11 10.11
C ARG A 93 -0.67 9.33 11.08
N LEU A 94 -1.05 9.29 12.36
CA LEU A 94 -0.27 8.51 13.32
C LEU A 94 -0.44 7.03 13.09
N VAL A 95 -1.65 6.58 12.74
CA VAL A 95 -1.85 5.18 12.36
C VAL A 95 -0.96 4.82 11.15
N LEU A 96 -0.88 5.69 10.16
CA LEU A 96 -0.01 5.45 8.99
C LEU A 96 1.42 5.32 9.41
N TYR A 97 1.91 6.22 10.29
CA TYR A 97 3.28 6.19 10.73
C TYR A 97 3.54 4.88 11.47
N ARG A 98 2.66 4.49 12.40
CA ARG A 98 2.89 3.24 13.10
C ARG A 98 2.84 2.04 12.18
N MET A 99 1.98 2.01 11.17
CA MET A 99 2.02 0.90 10.20
C MET A 99 3.34 0.87 9.45
N GLU A 100 3.92 2.02 9.11
CA GLU A 100 5.19 2.03 8.41
C GLU A 100 6.25 1.47 9.27
N LYS A 101 6.24 1.82 10.55
CA LYS A 101 7.33 1.44 11.45
C LYS A 101 7.20 0.01 12.02
N GLU A 102 5.98 -0.51 12.07
CA GLU A 102 5.70 -1.78 12.79
C GLU A 102 5.19 -2.89 11.89
N LEU A 103 4.73 -2.57 10.69
CA LEU A 103 4.26 -3.60 9.72
C LEU A 103 5.05 -3.57 8.45
N PHE A 104 5.18 -2.38 7.85
CA PHE A 104 5.77 -2.30 6.51
C PHE A 104 7.28 -2.40 6.53
N ASN A 105 7.88 -2.20 7.69
CA ASN A 105 9.32 -2.51 7.82
C ASN A 105 9.52 -4.01 7.58
N HIS A 106 8.63 -4.83 8.11
CA HIS A 106 8.71 -6.28 7.89
C HIS A 106 8.39 -6.65 6.46
N VAL A 107 7.43 -5.93 5.85
CA VAL A 107 7.13 -6.14 4.42
C VAL A 107 8.40 -5.90 3.59
N GLN A 108 9.16 -4.86 3.91
CA GLN A 108 10.39 -4.66 3.12
C GLN A 108 11.37 -5.81 3.22
N VAL A 109 11.44 -6.43 4.40
CA VAL A 109 12.30 -7.62 4.57
C VAL A 109 11.82 -8.79 3.69
N LEU A 110 10.50 -9.03 3.65
CA LEU A 110 9.94 -10.10 2.83
C LEU A 110 10.15 -9.78 1.38
N GLU A 111 10.21 -8.51 1.00
CA GLU A 111 10.41 -8.13 -0.39
C GLU A 111 11.87 -8.11 -0.85
N ASN A 112 12.77 -8.19 0.11
CA ASN A 112 14.20 -8.10 -0.17
C ASN A 112 14.74 -9.49 -0.55
N PRO A 113 15.13 -9.68 -1.82
CA PRO A 113 15.61 -10.99 -2.27
C PRO A 113 16.87 -11.40 -1.51
N ALA A 114 17.60 -10.40 -1.03
CA ALA A 114 18.86 -10.62 -0.33
C ALA A 114 18.72 -10.87 1.17
N ALA A 115 17.51 -10.80 1.70
CA ALA A 115 17.36 -11.00 3.13
C ALA A 115 17.47 -12.49 3.47
N ALA A 116 18.04 -12.77 4.65
CA ALA A 116 18.19 -14.14 5.11
C ALA A 116 16.87 -14.84 5.35
N ASN A 117 16.84 -16.15 5.21
CA ASN A 117 15.63 -16.90 5.52
C ASN A 117 15.17 -16.64 6.94
N LYS A 118 16.13 -16.62 7.87
CA LYS A 118 15.85 -16.35 9.26
C LYS A 118 15.21 -14.98 9.47
N GLU A 119 15.74 -13.95 8.80
CA GLU A 119 15.16 -12.62 8.86
C GLU A 119 13.74 -12.61 8.32
N GLN A 120 13.52 -13.35 7.23
CA GLN A 120 12.20 -13.34 6.61
C GLN A 120 11.19 -14.10 7.47
N ALA A 121 11.64 -15.15 8.15
CA ALA A 121 10.77 -15.86 9.07
C ALA A 121 10.33 -14.93 10.22
N LYS A 122 11.27 -14.19 10.80
CA LYS A 122 10.93 -13.24 11.85
C LYS A 122 9.96 -12.18 11.34
N ALA A 123 10.18 -11.69 10.12
CA ALA A 123 9.27 -10.69 9.56
C ALA A 123 7.86 -11.21 9.38
N ARG A 124 7.74 -12.42 8.83
CA ARG A 124 6.45 -13.05 8.61
C ARG A 124 5.73 -13.23 9.94
N GLU A 125 6.46 -13.69 10.94
CA GLU A 125 5.90 -13.85 12.27
C GLU A 125 5.41 -12.53 12.82
N ALA A 126 6.22 -11.49 12.69
CA ALA A 126 5.86 -10.19 13.25
C ALA A 126 4.64 -9.59 12.59
N ILE A 127 4.49 -9.82 11.29
CA ILE A 127 3.32 -9.30 10.60
C ILE A 127 2.06 -10.02 11.08
N GLY A 128 2.12 -11.35 11.23
CA GLY A 128 0.95 -12.06 11.69
C GLY A 128 0.56 -11.60 13.09
N ASN A 129 1.55 -11.42 13.95
CA ASN A 129 1.26 -11.03 15.33
C ASN A 129 0.68 -9.61 15.38
N GLY A 130 1.28 -8.71 14.62
CA GLY A 130 0.85 -7.34 14.54
C GLY A 130 -0.56 -7.17 14.01
N LEU A 131 -0.87 -7.88 12.94
CA LEU A 131 -2.20 -7.80 12.35
C LEU A 131 -3.22 -8.42 13.30
N THR A 132 -2.85 -9.51 13.99
CA THR A 132 -3.76 -10.17 14.91
C THR A 132 -4.12 -9.19 16.02
N MET A 133 -3.15 -8.42 16.48
CA MET A 133 -3.43 -7.54 17.60
C MET A 133 -4.27 -6.35 17.17
N LEU A 134 -4.07 -5.92 15.92
CA LEU A 134 -4.82 -4.82 15.34
C LEU A 134 -6.26 -5.18 14.99
N SER A 135 -6.54 -6.47 14.83
CA SER A 135 -7.84 -6.89 14.34
C SER A 135 -9.06 -6.33 15.11
N PRO A 136 -9.05 -6.34 16.46
CA PRO A 136 -10.20 -5.72 17.16
C PRO A 136 -10.44 -4.24 16.85
N SER A 137 -9.38 -3.43 16.83
CA SER A 137 -9.55 -2.00 16.58
C SER A 137 -9.79 -1.72 15.10
N SER A 141 -15.35 -0.97 13.74
CA SER A 141 -15.78 -0.13 12.63
C SER A 141 -15.61 -0.79 11.25
N LYS A 142 -16.34 -0.25 10.27
CA LYS A 142 -16.36 -0.78 8.90
C LYS A 142 -14.99 -0.60 8.24
N TYR A 143 -14.36 0.55 8.49
CA TYR A 143 -13.03 0.80 7.90
C TYR A 143 -12.09 1.15 9.05
N ILE A 144 -10.81 1.30 8.77
CA ILE A 144 -9.85 1.48 9.86
C ILE A 144 -10.12 2.74 10.70
N LEU A 145 -10.52 3.85 10.09
CA LEU A 145 -10.75 5.07 10.88
C LEU A 145 -12.19 5.27 11.31
N GLY A 146 -13.08 4.37 10.92
CA GLY A 146 -14.47 4.59 11.24
C GLY A 146 -15.37 4.09 10.14
N GLU A 147 -16.49 4.75 9.93
CA GLU A 147 -17.43 4.18 8.98
C GLU A 147 -17.11 4.62 7.55
N ASP A 148 -16.08 5.45 7.35
CA ASP A 148 -15.70 5.91 6.02
C ASP A 148 -14.32 5.38 5.54
N PHE A 149 -14.32 4.86 4.31
CA PHE A 149 -13.08 4.43 3.64
C PHE A 149 -12.12 5.59 3.56
N SER A 150 -10.84 5.31 3.77
CA SER A 150 -9.83 6.38 3.77
C SER A 150 -8.50 5.93 3.24
N MET A 151 -7.59 6.90 3.16
CA MET A 151 -6.22 6.62 2.71
C MET A 151 -5.52 5.62 3.63
N ILE A 152 -5.98 5.55 4.88
CA ILE A 152 -5.40 4.59 5.79
C ILE A 152 -5.69 3.13 5.36
N ASP A 153 -6.91 2.92 4.90
CA ASP A 153 -7.26 1.64 4.28
C ASP A 153 -6.45 1.35 3.02
N VAL A 154 -6.24 2.38 2.24
CA VAL A 154 -5.43 2.24 1.03
C VAL A 154 -4.05 1.76 1.38
N ALA A 155 -3.43 2.38 2.39
CA ALA A 155 -2.01 2.07 2.71
C ALA A 155 -1.86 0.59 3.17
N LEU A 156 -2.85 0.07 3.90
CA LEU A 156 -2.76 -1.27 4.43
C LEU A 156 -3.15 -2.34 3.42
N ALA A 157 -3.99 -1.99 2.42
CA ALA A 157 -4.64 -3.01 1.58
C ALA A 157 -3.60 -3.91 0.87
N PRO A 158 -2.51 -3.39 0.31
CA PRO A 158 -1.58 -4.31 -0.40
C PRO A 158 -0.98 -5.36 0.48
N LEU A 159 -0.79 -5.09 1.76
CA LEU A 159 -0.32 -6.13 2.69
C LEU A 159 -1.38 -7.18 2.92
N LEU A 160 -2.59 -6.76 3.17
CA LEU A 160 -3.65 -7.77 3.37
C LEU A 160 -3.89 -8.62 2.11
N TRP A 161 -3.74 -8.01 0.92
CA TRP A 161 -3.88 -8.81 -0.31
C TRP A 161 -2.84 -9.92 -0.35
N ARG A 162 -1.66 -9.68 0.23
CA ARG A 162 -0.49 -10.55 0.14
C ARG A 162 -0.35 -11.50 1.30
N LEU A 163 -1.37 -11.67 2.17
CA LEU A 163 -1.12 -12.57 3.30
C LEU A 163 -0.84 -14.00 2.85
N ASP A 164 -1.56 -14.52 1.86
CA ASP A 164 -1.25 -15.87 1.35
C ASP A 164 0.14 -15.88 0.69
N HIS A 165 0.43 -14.89 -0.16
CA HIS A 165 1.71 -14.81 -0.85
C HIS A 165 2.88 -14.86 0.14
N TYR A 166 2.76 -14.09 1.22
CA TYR A 166 3.76 -14.00 2.26
C TYR A 166 3.73 -15.16 3.27
N ASP A 167 2.76 -16.06 3.14
CA ASP A 167 2.60 -17.17 4.08
C ASP A 167 2.39 -16.69 5.54
N VAL A 168 1.69 -15.58 5.67
CA VAL A 168 1.36 -15.03 6.97
C VAL A 168 0.13 -15.73 7.46
N LYS A 169 0.23 -16.26 8.68
CA LYS A 169 -0.85 -16.95 9.35
C LYS A 169 -1.37 -16.07 10.50
N LEU A 170 -2.67 -15.76 10.51
CA LEU A 170 -3.27 -14.97 11.60
C LEU A 170 -4.01 -15.84 12.60
N GLY A 171 -4.13 -15.36 13.84
CA GLY A 171 -4.95 -16.02 14.82
C GLY A 171 -6.42 -16.08 14.41
N LYS A 172 -7.15 -17.06 14.94
CA LYS A 172 -8.59 -17.16 14.65
C LYS A 172 -9.36 -15.92 15.14
N SER A 173 -8.78 -15.20 16.09
CA SER A 173 -9.38 -13.98 16.61
C SER A 173 -9.37 -12.86 15.57
N ALA A 174 -8.59 -13.05 14.52
CA ALA A 174 -8.46 -12.04 13.48
C ALA A 174 -9.48 -12.20 12.35
N ALA A 175 -10.49 -13.03 12.54
CA ALA A 175 -11.57 -13.11 11.57
C ALA A 175 -12.14 -11.74 11.15
N PRO A 176 -12.33 -10.81 12.11
CA PRO A 176 -12.86 -9.49 11.72
C PRO A 176 -11.95 -8.73 10.75
N LEU A 177 -10.64 -8.80 10.95
CA LEU A 177 -9.72 -8.21 10.01
C LEU A 177 -9.86 -8.82 8.61
N LEU A 178 -10.05 -10.13 8.54
CA LEU A 178 -10.14 -10.78 7.23
C LEU A 178 -11.46 -10.43 6.51
N LYS A 179 -12.53 -10.26 7.28
CA LYS A 179 -13.82 -9.85 6.68
C LYS A 179 -13.67 -8.42 6.16
N TYR A 180 -13.07 -7.55 6.95
CA TYR A 180 -12.71 -6.21 6.48
C TYR A 180 -11.86 -6.25 5.20
N ALA A 181 -10.84 -7.08 5.15
CA ALA A 181 -9.99 -7.11 3.97
C ALA A 181 -10.86 -7.48 2.76
N GLU A 182 -11.74 -8.46 2.88
CA GLU A 182 -12.63 -8.79 1.74
C GLU A 182 -13.49 -7.61 1.26
N ARG A 183 -13.96 -6.77 2.17
CA ARG A 183 -14.69 -5.57 1.75
C ARG A 183 -13.81 -4.64 0.95
N ILE A 184 -12.55 -4.41 1.38
CA ILE A 184 -11.67 -3.57 0.62
C ILE A 184 -11.45 -4.16 -0.78
N PHE A 185 -11.26 -5.48 -0.85
CA PHE A 185 -10.87 -6.08 -2.12
C PHE A 185 -12.03 -6.13 -3.11
N GLN A 186 -13.26 -5.94 -2.62
CA GLN A 186 -14.40 -5.87 -3.50
C GLN A 186 -14.56 -4.49 -4.14
N ARG A 187 -13.76 -3.51 -3.71
CA ARG A 187 -13.96 -2.18 -4.28
C ARG A 187 -13.51 -2.19 -5.75
N GLU A 188 -14.30 -1.58 -6.60
CA GLU A 188 -14.03 -1.52 -8.02
C GLU A 188 -12.59 -1.05 -8.30
N ALA A 189 -12.14 -0.02 -7.58
CA ALA A 189 -10.82 0.56 -7.89
C ALA A 189 -9.72 -0.34 -7.36
N PHE A 190 -10.03 -1.14 -6.34
CA PHE A 190 -9.02 -2.07 -5.88
C PHE A 190 -8.77 -3.09 -6.99
N ILE A 191 -9.83 -3.63 -7.56
N ILE A 191 -9.82 -3.66 -7.51
CA ILE A 191 -9.72 -4.60 -8.65
CA ILE A 191 -9.66 -4.62 -8.60
C ILE A 191 -8.98 -4.01 -9.82
C ILE A 191 -8.98 -4.03 -9.83
N GLU A 192 -9.36 -2.80 -10.20
CA GLU A 192 -8.70 -2.11 -11.31
C GLU A 192 -7.22 -1.93 -11.11
N ALA A 193 -6.82 -1.64 -9.88
CA ALA A 193 -5.44 -1.39 -9.56
C ALA A 193 -4.52 -2.58 -9.55
N LEU A 194 -5.07 -3.80 -9.45
CA LEU A 194 -4.23 -5.01 -9.42
C LEU A 194 -3.57 -5.21 -10.77
N THR A 195 -2.29 -5.53 -10.73
CA THR A 195 -1.65 -6.01 -11.96
C THR A 195 -2.00 -7.52 -12.19
N PRO A 196 -1.73 -8.04 -13.40
CA PRO A 196 -1.92 -9.49 -13.59
C PRO A 196 -1.09 -10.34 -12.66
N ALA A 197 0.11 -9.83 -12.30
CA ALA A 197 0.95 -10.58 -11.38
C ALA A 197 0.32 -10.59 -9.99
N GLU A 198 -0.27 -9.46 -9.57
CA GLU A 198 -0.89 -9.43 -8.23
C GLU A 198 -2.17 -10.26 -8.20
N LYS A 199 -2.88 -10.34 -9.34
CA LYS A 199 -4.04 -11.22 -9.38
C LYS A 199 -3.64 -12.66 -9.15
N ALA A 200 -2.44 -13.05 -9.55
CA ALA A 200 -1.94 -14.42 -9.30
C ALA A 200 -1.68 -14.76 -7.84
N MET A 201 -1.68 -13.74 -6.99
CA MET A 201 -1.38 -13.90 -5.53
C MET A 201 -2.53 -14.43 -4.69
N ARG A 202 -3.76 -14.34 -5.18
CA ARG A 202 -4.93 -14.94 -4.50
C ARG A 202 -6.20 -14.69 -5.30
N LYS A 203 -7.29 -15.35 -4.92
CA LYS A 203 -8.53 -15.21 -5.70
C LYS A 203 -9.32 -13.92 -5.35
#